data_5VJK
#
_entry.id   5VJK
#
_cell.length_a   115.440
_cell.length_b   115.440
_cell.length_c   294.871
_cell.angle_alpha   90.00
_cell.angle_beta   90.00
_cell.angle_gamma   120.00
#
_symmetry.space_group_name_H-M   'H 3 2'
#
loop_
_entity.id
_entity.type
_entity.pdbx_description
1 polymer 'Hemagglutinin HA1'
2 polymer 'Hemagglutinin HA2'
3 branched beta-D-mannopyranose-(1-4)-2-acetamido-2-deoxy-beta-D-glucopyranose-(1-4)-2-acetamido-2-deoxy-beta-D-glucopyranose
4 non-polymer 2-acetamido-2-deoxy-beta-D-glucopyranose
5 water water
#
loop_
_entity_poly.entity_id
_entity_poly.type
_entity_poly.pdbx_seq_one_letter_code
_entity_poly.pdbx_strand_id
1 'polypeptide(L)'
;ADPGDKICLGHHAVSNGTKVNTLTERGVEVVNATETVERTNIPRICSKGKRTVDLGQCGLLGTITGPPQCDQFLEFSADL
IIERREGSDVCYPGKFVNEEALRQILRESGGIDKEAMGFTYSGIRTNGATSACRRSGSSFYAEMKWLLSNTDNAAFPQMT
KSYKNTRKSPALIVWGIHHSKSTAEQTTLYGSGNKLVTVGSSNYQQSFVPSPGARPQVNGLSSRIDFHWLMLNPNDTVTF
SFNGAFIAPDRASFLRGKSMGIQSGVQVDANCEGDCYHSGGTIISNLPFQNIDSRAVGKCPRYVKQRSLLLATGMKNVPE
IPKGR
;
A
2 'polypeptide(L)'
;GLFGAIAGFIENGWEGLIDGWYGFRHQNAQGEGTAADYKSTQSAIDQITGKLNRLIEKTNQQFELIDNEFNEVEKQIGNV
INWTRDSITEVWSYNAELLVAMENQHTIDLADSEMDKLYERVKRQLRENAEEDGTGCFEIFHKCDDDCMASIRNNTYDHS
KYREEAMQNRIQIDPVSGRLVPR
;
B
#
# COMPACT_ATOMS: atom_id res chain seq x y z
N LYS A 6 -48.05 -34.23 6.17
CA LYS A 6 -47.91 -32.78 6.09
C LYS A 6 -46.50 -32.42 5.57
N ILE A 7 -46.28 -31.30 4.88
CA ILE A 7 -44.92 -30.88 4.46
C ILE A 7 -44.57 -29.45 4.85
N CYS A 8 -43.38 -29.23 5.45
CA CYS A 8 -42.93 -27.93 5.97
C CYS A 8 -41.64 -27.42 5.34
N LEU A 9 -41.61 -26.13 5.01
CA LEU A 9 -40.41 -25.44 4.52
C LEU A 9 -39.66 -24.75 5.67
N GLY A 10 -38.32 -24.72 5.58
CA GLY A 10 -37.52 -24.09 6.61
C GLY A 10 -36.14 -23.70 6.11
N HIS A 11 -35.34 -23.15 7.03
CA HIS A 11 -34.00 -22.69 6.73
C HIS A 11 -33.08 -23.11 7.87
N HIS A 12 -31.77 -23.07 7.62
CA HIS A 12 -30.80 -23.53 8.60
C HIS A 12 -30.48 -22.46 9.65
N ALA A 13 -29.83 -22.92 10.72
CA ALA A 13 -29.39 -22.06 11.81
C ALA A 13 -28.23 -22.75 12.52
N VAL A 14 -27.51 -21.96 13.33
CA VAL A 14 -26.43 -22.47 14.18
C VAL A 14 -26.58 -21.94 15.60
N SER A 15 -25.91 -22.63 16.52
CA SER A 15 -25.93 -22.30 17.95
C SER A 15 -25.17 -20.99 18.19
N ASN A 16 -24.05 -20.79 17.51
CA ASN A 16 -23.26 -19.57 17.66
C ASN A 16 -23.08 -18.94 16.30
N GLY A 17 -23.81 -17.85 16.06
CA GLY A 17 -23.67 -17.10 14.84
C GLY A 17 -22.67 -15.99 15.04
N THR A 18 -22.58 -15.12 14.05
CA THR A 18 -21.71 -13.96 14.05
C THR A 18 -22.52 -12.68 13.94
N LYS A 19 -22.26 -11.70 14.82
CA LYS A 19 -23.01 -10.46 14.76
C LYS A 19 -22.37 -9.50 13.74
N VAL A 20 -23.23 -8.85 12.94
CA VAL A 20 -22.78 -7.88 11.95
C VAL A 20 -23.66 -6.64 12.03
N ASN A 21 -23.31 -5.61 11.27
CA ASN A 21 -24.11 -4.40 11.27
C ASN A 21 -24.75 -4.22 9.90
N THR A 22 -25.94 -3.62 9.90
CA THR A 22 -26.66 -3.34 8.66
C THR A 22 -27.07 -1.89 8.65
N LEU A 23 -27.86 -1.50 7.66
CA LEU A 23 -28.36 -0.13 7.61
C LEU A 23 -29.41 0.13 8.70
N THR A 24 -30.20 -0.89 9.07
CA THR A 24 -31.30 -0.64 9.96
C THR A 24 -31.07 -1.12 11.38
N GLU A 25 -29.98 -1.84 11.65
CA GLU A 25 -29.81 -2.53 12.90
C GLU A 25 -28.32 -2.71 13.12
N ARG A 26 -27.93 -2.63 14.37
CA ARG A 26 -26.59 -2.90 14.86
C ARG A 26 -26.61 -4.25 15.57
N GLY A 27 -25.63 -5.10 15.28
CA GLY A 27 -25.50 -6.36 16.01
C GLY A 27 -26.50 -7.45 15.63
N VAL A 28 -26.88 -7.52 14.34
CA VAL A 28 -27.69 -8.62 13.82
C VAL A 28 -26.87 -9.89 13.66
N GLU A 29 -27.40 -11.02 14.13
CA GLU A 29 -26.68 -12.28 14.08
C GLU A 29 -26.96 -12.96 12.75
N VAL A 30 -25.91 -13.33 12.03
CA VAL A 30 -26.02 -14.09 10.78
C VAL A 30 -25.29 -15.42 10.96
N VAL A 31 -25.57 -16.36 10.05
CA VAL A 31 -24.99 -17.69 10.22
C VAL A 31 -23.47 -17.68 10.05
N ASN A 32 -22.95 -16.78 9.23
CA ASN A 32 -21.52 -16.78 8.94
C ASN A 32 -21.21 -15.40 8.39
N ALA A 33 -19.98 -14.97 8.64
CA ALA A 33 -19.52 -13.68 8.18
C ALA A 33 -18.02 -13.75 8.02
N THR A 34 -17.48 -12.73 7.37
CA THR A 34 -16.07 -12.72 7.07
C THR A 34 -15.52 -11.31 7.21
N GLU A 35 -14.26 -11.21 7.58
CA GLU A 35 -13.63 -9.93 7.85
C GLU A 35 -13.21 -9.25 6.55
N THR A 36 -13.39 -7.92 6.50
CA THR A 36 -12.96 -7.15 5.35
C THR A 36 -11.74 -6.26 5.64
N VAL A 37 -11.36 -6.09 6.90
CA VAL A 37 -10.27 -5.20 7.30
C VAL A 37 -9.09 -6.05 7.74
N GLU A 38 -7.95 -5.85 7.10
CA GLU A 38 -6.78 -6.64 7.39
C GLU A 38 -6.03 -6.05 8.58
N ARG A 39 -5.74 -6.89 9.58
CA ARG A 39 -4.97 -6.46 10.73
C ARG A 39 -3.69 -7.24 10.89
N THR A 40 -3.50 -8.30 10.12
CA THR A 40 -2.36 -9.17 10.32
C THR A 40 -1.17 -8.67 9.49
N ASN A 41 -0.07 -8.38 10.16
CA ASN A 41 1.14 -7.88 9.52
C ASN A 41 2.23 -8.97 9.49
N ILE A 42 3.00 -9.01 8.40
CA ILE A 42 4.20 -9.83 8.31
C ILE A 42 5.43 -8.95 8.58
N PRO A 43 6.13 -9.13 9.73
CA PRO A 43 7.21 -8.23 10.18
C PRO A 43 8.54 -8.40 9.43
N ARG A 44 8.46 -8.47 8.10
CA ARG A 44 9.58 -8.53 7.17
C ARG A 44 9.21 -7.80 5.88
N ILE A 45 10.24 -7.48 5.12
CA ILE A 45 10.09 -6.85 3.82
C ILE A 45 10.06 -8.02 2.86
N CYS A 46 8.87 -8.38 2.41
CA CYS A 46 8.74 -9.54 1.54
C CYS A 46 9.16 -9.12 0.15
N SER A 47 10.28 -9.68 -0.29
CA SER A 47 10.93 -9.15 -1.47
C SER A 47 11.19 -10.24 -2.49
N LYS A 48 10.55 -11.40 -2.34
CA LYS A 48 10.78 -12.48 -3.30
C LYS A 48 10.44 -12.02 -4.70
N GLY A 49 11.37 -12.28 -5.65
CA GLY A 49 11.14 -11.92 -7.04
C GLY A 49 11.51 -10.51 -7.45
N LYS A 50 12.01 -9.69 -6.54
CA LYS A 50 12.32 -8.26 -6.78
C LYS A 50 13.78 -7.94 -6.53
N ARG A 51 14.45 -7.36 -7.54
CA ARG A 51 15.77 -6.80 -7.30
C ARG A 51 15.71 -5.75 -6.19
N THR A 52 16.30 -6.11 -5.04
CA THR A 52 16.25 -5.33 -3.81
C THR A 52 17.61 -4.77 -3.45
N VAL A 53 17.63 -3.51 -3.02
CA VAL A 53 18.84 -2.90 -2.49
C VAL A 53 18.50 -2.47 -1.08
N ASP A 54 19.18 -3.04 -0.10
CA ASP A 54 19.06 -2.63 1.30
C ASP A 54 20.20 -1.66 1.57
N LEU A 55 19.89 -0.36 1.65
CA LEU A 55 20.97 0.62 1.75
C LEU A 55 21.75 0.52 3.06
N GLY A 56 21.14 -0.01 4.11
CA GLY A 56 21.87 -0.19 5.35
C GLY A 56 22.39 1.15 5.85
N GLN A 57 23.73 1.25 6.01
CA GLN A 57 24.32 2.50 6.48
C GLN A 57 24.51 3.55 5.39
N CYS A 58 24.31 3.19 4.13
CA CYS A 58 24.35 4.16 3.04
C CYS A 58 23.03 4.95 2.99
N GLY A 59 23.10 6.27 3.14
CA GLY A 59 21.95 7.11 2.84
C GLY A 59 21.69 7.24 1.35
N LEU A 60 20.40 7.31 0.98
CA LEU A 60 20.06 7.29 -0.44
C LEU A 60 20.77 8.39 -1.24
N LEU A 61 20.79 9.61 -0.71
CA LEU A 61 21.48 10.68 -1.37
C LEU A 61 22.98 10.41 -1.46
N GLY A 62 23.53 9.66 -0.49
CA GLY A 62 24.94 9.30 -0.57
C GLY A 62 25.33 8.52 -1.81
N THR A 63 24.40 7.75 -2.37
CA THR A 63 24.72 7.03 -3.60
C THR A 63 25.12 7.95 -4.75
N ILE A 64 24.74 9.23 -4.71
CA ILE A 64 25.14 10.17 -5.77
C ILE A 64 26.51 10.79 -5.52
N THR A 65 26.85 11.09 -4.27
CA THR A 65 28.08 11.79 -3.97
C THR A 65 29.20 10.84 -3.56
N GLY A 66 28.85 9.78 -2.84
CA GLY A 66 29.76 8.71 -2.52
C GLY A 66 30.62 8.86 -1.29
N PRO A 67 30.03 9.02 -0.11
CA PRO A 67 30.79 8.82 1.12
C PRO A 67 31.16 7.36 1.25
N PRO A 68 32.13 7.02 2.12
CA PRO A 68 32.62 5.62 2.15
C PRO A 68 31.52 4.59 2.34
N GLN A 69 30.57 4.84 3.23
CA GLN A 69 29.51 3.87 3.46
C GLN A 69 28.69 3.58 2.22
N CYS A 70 28.85 4.34 1.14
CA CYS A 70 28.06 4.13 -0.06
C CYS A 70 28.87 3.60 -1.23
N ASP A 71 30.13 3.22 -1.01
CA ASP A 71 30.97 2.81 -2.14
C ASP A 71 30.38 1.63 -2.88
N GLN A 72 29.68 0.76 -2.19
CA GLN A 72 29.10 -0.41 -2.82
C GLN A 72 27.82 -0.08 -3.59
N PHE A 73 27.34 1.16 -3.49
CA PHE A 73 26.04 1.54 -4.05
C PHE A 73 26.12 2.65 -5.09
N LEU A 74 27.31 2.95 -5.60
CA LEU A 74 27.50 4.06 -6.51
C LEU A 74 26.77 3.86 -7.86
N GLU A 75 26.49 2.63 -8.26
CA GLU A 75 25.76 2.39 -9.51
C GLU A 75 24.69 1.33 -9.36
N PHE A 76 23.96 1.36 -8.26
CA PHE A 76 23.02 0.29 -7.94
C PHE A 76 21.89 0.21 -8.96
N SER A 77 21.22 -0.96 -8.96
CA SER A 77 20.10 -1.26 -9.82
C SER A 77 19.08 -1.97 -8.97
N ALA A 78 17.81 -1.55 -9.05
CA ALA A 78 16.88 -2.13 -8.09
C ALA A 78 15.45 -1.95 -8.56
N ASP A 79 14.59 -2.88 -8.13
CA ASP A 79 13.17 -2.63 -8.23
C ASP A 79 12.66 -2.08 -6.92
N LEU A 80 13.27 -2.49 -5.80
CA LEU A 80 12.86 -2.06 -4.48
C LEU A 80 14.06 -1.50 -3.72
N ILE A 81 13.92 -0.28 -3.22
CA ILE A 81 14.98 0.39 -2.48
C ILE A 81 14.50 0.56 -1.05
N ILE A 82 15.33 0.13 -0.10
CA ILE A 82 15.01 0.15 1.33
C ILE A 82 15.99 1.11 2.01
N GLU A 83 15.45 2.18 2.59
CA GLU A 83 16.27 3.06 3.42
C GLU A 83 16.22 2.57 4.87
N ARG A 84 17.33 2.70 5.57
CA ARG A 84 17.39 2.30 6.97
C ARG A 84 17.65 3.51 7.86
N ARG A 85 17.22 3.38 9.12
CA ARG A 85 17.35 4.48 10.04
C ARG A 85 18.82 4.83 10.31
N GLU A 86 19.74 3.86 10.17
CA GLU A 86 21.15 4.12 10.42
C GLU A 86 21.86 4.70 9.21
N GLY A 87 21.14 4.92 8.12
CA GLY A 87 21.77 5.46 6.92
C GLY A 87 22.24 6.89 7.11
N SER A 88 23.37 7.21 6.49
CA SER A 88 23.93 8.56 6.49
C SER A 88 24.28 8.92 5.06
N ASP A 89 23.87 10.12 4.62
CA ASP A 89 24.18 10.63 3.28
C ASP A 89 25.58 11.22 3.17
N VAL A 90 26.22 11.51 4.30
CA VAL A 90 27.41 12.34 4.29
C VAL A 90 28.55 11.65 5.05
N CYS A 91 29.76 12.11 4.77
CA CYS A 91 30.90 11.89 5.66
C CYS A 91 31.43 13.20 6.20
N TYR A 92 31.92 14.07 5.35
CA TYR A 92 32.16 15.45 5.75
C TYR A 92 30.79 16.05 6.03
N PRO A 93 30.56 16.66 7.20
CA PRO A 93 29.19 17.08 7.53
C PRO A 93 28.64 18.06 6.50
N GLY A 94 27.33 17.99 6.30
CA GLY A 94 26.67 18.80 5.29
C GLY A 94 25.28 18.25 5.01
N LYS A 95 24.57 18.94 4.13
CA LYS A 95 23.22 18.52 3.81
C LYS A 95 22.83 19.05 2.44
N PHE A 96 21.86 18.35 1.82
CA PHE A 96 21.44 18.69 0.47
C PHE A 96 20.37 19.76 0.52
N VAL A 97 20.36 20.59 -0.51
CA VAL A 97 19.27 21.52 -0.75
C VAL A 97 18.19 20.74 -1.50
N ASN A 98 16.94 20.95 -1.12
CA ASN A 98 15.79 20.20 -1.64
C ASN A 98 16.08 18.71 -1.53
N GLU A 99 16.38 18.28 -0.31
CA GLU A 99 16.82 16.90 -0.15
C GLU A 99 15.70 15.92 -0.41
N GLU A 100 14.47 16.23 0.06
CA GLU A 100 13.40 15.27 -0.08
C GLU A 100 12.95 15.14 -1.54
N ALA A 101 12.96 16.26 -2.29
CA ALA A 101 12.67 16.14 -3.71
C ALA A 101 13.64 15.16 -4.35
N LEU A 102 14.93 15.27 -4.01
CA LEU A 102 15.95 14.37 -4.58
C LEU A 102 15.76 12.93 -4.15
N ARG A 103 15.40 12.69 -2.88
CA ARG A 103 15.09 11.32 -2.44
C ARG A 103 13.94 10.69 -3.21
N GLN A 104 12.87 11.44 -3.46
CA GLN A 104 11.72 10.91 -4.18
C GLN A 104 12.08 10.57 -5.62
N ILE A 105 12.96 11.36 -6.22
CA ILE A 105 13.46 11.03 -7.55
C ILE A 105 14.26 9.72 -7.52
N LEU A 106 15.10 9.53 -6.51
CA LEU A 106 15.97 8.36 -6.47
C LEU A 106 15.22 7.10 -6.04
N ARG A 107 14.17 7.24 -5.24
CA ARG A 107 13.40 6.07 -4.83
C ARG A 107 12.71 5.41 -6.03
N GLU A 108 12.32 6.19 -7.04
CA GLU A 108 11.62 5.62 -8.18
C GLU A 108 12.50 5.48 -9.43
N SER A 109 13.81 5.65 -9.29
CA SER A 109 14.72 5.68 -10.44
C SER A 109 15.06 4.30 -10.98
N GLY A 110 14.91 3.24 -10.17
CA GLY A 110 15.43 1.96 -10.55
C GLY A 110 16.93 1.80 -10.38
N GLY A 111 17.58 2.79 -9.76
CA GLY A 111 19.02 2.78 -9.65
C GLY A 111 19.65 3.85 -10.53
N ILE A 112 20.96 3.96 -10.41
CA ILE A 112 21.70 4.99 -11.12
C ILE A 112 22.86 4.38 -11.90
N ASP A 113 23.17 5.02 -13.01
CA ASP A 113 24.29 4.67 -13.88
C ASP A 113 25.19 5.90 -13.94
N LYS A 114 26.44 5.77 -13.48
CA LYS A 114 27.34 6.92 -13.44
C LYS A 114 28.18 7.04 -14.71
N GLU A 115 28.50 8.28 -15.06
CA GLU A 115 29.36 8.59 -16.20
C GLU A 115 30.21 9.82 -15.94
N ALA A 116 31.49 9.73 -16.28
CA ALA A 116 32.41 10.86 -16.07
C ALA A 116 31.95 12.07 -16.86
N MET A 117 32.00 13.24 -16.24
CA MET A 117 31.61 14.45 -16.95
C MET A 117 32.78 15.14 -17.65
N GLY A 118 34.02 14.71 -17.38
CA GLY A 118 35.15 15.19 -18.17
C GLY A 118 35.77 16.52 -17.83
N PHE A 119 35.62 16.99 -16.61
CA PHE A 119 36.24 18.23 -16.17
C PHE A 119 37.72 17.97 -15.92
N THR A 120 38.59 18.84 -16.50
CA THR A 120 40.01 18.82 -16.23
C THR A 120 40.44 20.17 -15.67
N TYR A 121 41.47 20.14 -14.84
CA TYR A 121 41.87 21.34 -14.13
C TYR A 121 43.37 21.58 -14.29
N SER A 122 43.74 22.85 -14.20
CA SER A 122 45.14 23.23 -14.19
C SER A 122 45.26 24.45 -13.28
N GLY A 123 46.39 24.54 -12.58
CA GLY A 123 46.56 25.70 -11.72
C GLY A 123 45.91 25.61 -10.34
N ILE A 124 45.38 24.43 -9.97
CA ILE A 124 44.74 24.21 -8.67
C ILE A 124 45.10 22.80 -8.17
N ARG A 125 44.85 22.57 -6.88
CA ARG A 125 44.81 21.20 -6.39
C ARG A 125 43.42 20.62 -6.58
N THR A 126 43.41 19.32 -6.78
CA THR A 126 42.18 18.60 -6.98
C THR A 126 41.97 17.46 -5.99
N ASN A 127 42.88 17.26 -5.04
CA ASN A 127 42.87 16.10 -4.16
C ASN A 127 42.55 16.46 -2.72
N GLY A 128 41.64 17.41 -2.49
CA GLY A 128 41.21 17.67 -1.12
C GLY A 128 40.63 16.45 -0.42
N ALA A 129 41.09 16.18 0.80
CA ALA A 129 40.72 14.99 1.56
C ALA A 129 40.56 15.37 3.04
N THR A 130 39.88 14.52 3.80
CA THR A 130 39.67 14.76 5.22
C THR A 130 39.62 13.41 5.93
N SER A 131 39.97 13.43 7.20
CA SER A 131 39.90 12.20 8.01
C SER A 131 38.48 11.81 8.37
N ALA A 132 37.48 12.61 7.99
CA ALA A 132 36.09 12.23 8.17
C ALA A 132 35.58 11.27 7.10
N CYS A 133 36.24 11.23 5.95
CA CYS A 133 35.94 10.30 4.86
C CYS A 133 37.15 9.39 4.77
N ARG A 134 37.13 8.34 5.58
CA ARG A 134 38.28 7.48 5.75
C ARG A 134 38.16 6.27 4.81
N ARG A 135 39.19 6.08 3.97
CA ARG A 135 39.34 4.83 3.22
C ARG A 135 40.79 4.40 3.40
N SER A 136 41.11 3.77 4.53
CA SER A 136 42.50 3.42 4.80
C SER A 136 43.33 4.70 4.75
N GLY A 137 42.75 5.76 5.29
CA GLY A 137 43.35 7.07 5.42
C GLY A 137 42.37 8.14 5.01
N SER A 138 42.87 9.38 5.02
CA SER A 138 42.06 10.52 4.56
C SER A 138 41.68 10.43 3.09
N SER A 139 40.40 10.66 2.83
CA SER A 139 39.85 10.58 1.48
C SER A 139 38.73 11.62 1.37
N PHE A 140 37.86 11.45 0.38
CA PHE A 140 36.77 12.40 0.13
C PHE A 140 35.61 11.65 -0.52
N TYR A 141 34.58 12.38 -0.95
CA TYR A 141 33.46 11.77 -1.68
C TYR A 141 33.96 11.22 -3.00
N ALA A 142 33.61 9.96 -3.27
CA ALA A 142 34.17 9.28 -4.43
C ALA A 142 33.75 9.89 -5.76
N GLU A 143 32.63 10.60 -5.80
CA GLU A 143 32.11 11.16 -7.03
C GLU A 143 32.38 12.63 -7.16
N MET A 144 33.09 13.21 -6.20
CA MET A 144 33.35 14.63 -6.19
C MET A 144 34.85 14.86 -6.15
N LYS A 145 35.19 16.13 -6.36
CA LYS A 145 36.56 16.59 -6.25
C LYS A 145 36.55 17.90 -5.47
N TRP A 146 37.33 17.91 -4.39
CA TRP A 146 37.50 19.08 -3.53
C TRP A 146 38.60 19.96 -4.14
N LEU A 147 38.21 21.04 -4.84
CA LEU A 147 39.16 21.93 -5.53
C LEU A 147 39.77 22.95 -4.57
N LEU A 148 41.11 23.04 -4.58
CA LEU A 148 41.86 23.94 -3.70
C LEU A 148 42.87 24.80 -4.45
N SER A 149 43.37 25.83 -3.77
CA SER A 149 44.52 26.56 -4.31
C SER A 149 45.73 25.63 -4.22
N ASN A 150 46.71 25.84 -5.10
CA ASN A 150 47.87 24.94 -5.10
C ASN A 150 48.61 24.98 -3.77
N THR A 151 48.67 26.17 -3.16
CA THR A 151 49.35 26.43 -1.89
C THR A 151 48.48 27.38 -1.06
N ASP A 152 48.77 27.42 0.24
CA ASP A 152 48.02 28.23 1.21
C ASP A 152 47.85 29.69 0.82
N ASN A 153 46.61 30.16 0.91
CA ASN A 153 46.25 31.57 0.63
C ASN A 153 46.44 31.94 -0.81
N ALA A 154 46.87 31.04 -1.68
CA ALA A 154 46.97 31.44 -3.07
C ALA A 154 45.56 31.70 -3.59
N ALA A 155 45.49 32.58 -4.57
CA ALA A 155 44.20 32.96 -5.09
C ALA A 155 43.60 31.82 -5.90
N PHE A 156 42.34 31.57 -5.69
CA PHE A 156 41.71 30.57 -6.50
C PHE A 156 41.27 31.28 -7.76
N PRO A 157 41.74 30.85 -8.93
CA PRO A 157 41.39 31.55 -10.16
C PRO A 157 39.91 31.36 -10.50
N GLN A 158 39.30 32.43 -11.02
CA GLN A 158 37.93 32.36 -11.52
C GLN A 158 38.01 31.35 -12.64
N MET A 159 37.10 30.39 -12.62
CA MET A 159 37.21 29.34 -13.60
C MET A 159 35.84 28.97 -14.11
N THR A 160 35.85 28.42 -15.33
CA THR A 160 34.58 28.03 -15.92
C THR A 160 34.68 26.60 -16.42
N LYS A 161 33.75 25.74 -16.02
CA LYS A 161 33.70 24.36 -16.47
C LYS A 161 32.32 24.06 -17.03
N SER A 162 32.25 23.52 -18.23
CA SER A 162 30.94 23.25 -18.81
C SER A 162 30.78 21.77 -19.13
N TYR A 163 29.54 21.27 -19.06
CA TYR A 163 29.28 19.87 -19.38
C TYR A 163 28.02 19.76 -20.20
N LYS A 164 28.09 19.06 -21.33
CA LYS A 164 26.91 18.89 -22.16
C LYS A 164 26.39 17.48 -21.97
N ASN A 165 25.10 17.36 -21.71
CA ASN A 165 24.49 16.03 -21.58
C ASN A 165 24.29 15.50 -22.99
N THR A 166 25.16 14.57 -23.38
CA THR A 166 25.08 14.02 -24.72
C THR A 166 24.22 12.78 -24.78
N ARG A 167 23.65 12.40 -23.64
CA ARG A 167 22.81 11.23 -23.59
C ARG A 167 21.34 11.62 -23.74
N LYS A 168 20.45 10.61 -23.69
CA LYS A 168 19.03 10.76 -24.03
C LYS A 168 18.12 10.89 -22.85
N SER A 169 18.62 10.83 -21.64
CA SER A 169 17.81 11.02 -20.46
C SER A 169 18.48 12.10 -19.62
N PRO A 170 17.74 12.75 -18.73
CA PRO A 170 18.33 13.85 -17.94
C PRO A 170 19.50 13.42 -17.08
N ALA A 171 20.47 14.30 -16.92
CA ALA A 171 21.62 14.01 -16.08
C ALA A 171 21.43 14.65 -14.70
N LEU A 172 21.64 13.87 -13.65
CA LEU A 172 21.66 14.39 -12.29
C LEU A 172 23.07 14.91 -12.02
N ILE A 173 23.16 16.22 -11.81
CA ILE A 173 24.42 16.91 -11.57
C ILE A 173 24.37 17.37 -10.11
N VAL A 174 25.41 17.09 -9.36
CA VAL A 174 25.52 17.49 -7.96
C VAL A 174 26.83 18.23 -7.79
N TRP A 175 26.79 19.34 -7.06
CA TRP A 175 28.00 20.04 -6.68
C TRP A 175 27.85 20.43 -5.21
N GLY A 176 28.91 20.95 -4.63
CA GLY A 176 28.89 21.31 -3.22
C GLY A 176 29.50 22.67 -2.99
N ILE A 177 28.98 23.33 -1.96
CA ILE A 177 29.56 24.58 -1.49
C ILE A 177 30.15 24.32 -0.11
N HIS A 178 31.44 24.63 0.04
CA HIS A 178 32.17 24.36 1.27
C HIS A 178 32.17 25.61 2.14
N HIS A 179 31.70 25.49 3.38
CA HIS A 179 31.73 26.58 4.33
C HIS A 179 32.77 26.22 5.39
N SER A 180 33.92 26.87 5.34
CA SER A 180 34.92 26.54 6.34
C SER A 180 34.52 27.07 7.73
N LYS A 181 35.27 26.61 8.75
CA LYS A 181 34.97 26.93 10.13
C LYS A 181 35.16 28.42 10.44
N SER A 182 35.85 29.14 9.59
CA SER A 182 36.10 30.56 9.85
C SER A 182 36.50 31.23 8.55
N THR A 183 36.40 32.55 8.54
CA THR A 183 36.89 33.29 7.39
C THR A 183 38.39 33.05 7.17
N ALA A 184 39.15 32.90 8.26
CA ALA A 184 40.58 32.65 8.15
C ALA A 184 40.90 31.30 7.52
N GLU A 185 40.14 30.26 7.85
CA GLU A 185 40.40 28.94 7.26
C GLU A 185 40.03 28.93 5.78
N GLN A 186 38.93 29.58 5.42
CA GLN A 186 38.56 29.68 4.02
C GLN A 186 39.62 30.36 3.14
N THR A 187 40.29 31.41 3.63
CA THR A 187 41.34 31.99 2.80
C THR A 187 42.54 31.05 2.59
N THR A 188 42.90 30.23 3.59
CA THR A 188 44.00 29.30 3.28
C THR A 188 43.59 28.30 2.20
N LEU A 189 42.32 27.92 2.15
CA LEU A 189 41.92 26.90 1.19
C LEU A 189 41.78 27.48 -0.21
N TYR A 190 41.20 28.68 -0.33
CA TYR A 190 40.81 29.24 -1.62
C TYR A 190 41.29 30.66 -1.92
N GLY A 191 42.05 31.30 -1.03
CA GLY A 191 42.45 32.68 -1.18
C GLY A 191 41.40 33.65 -0.66
N SER A 192 41.85 34.85 -0.34
CA SER A 192 40.92 35.80 0.26
C SER A 192 39.93 36.37 -0.77
N GLY A 193 38.92 36.99 -0.18
CA GLY A 193 37.86 37.74 -0.79
C GLY A 193 36.58 36.93 -0.85
N ASN A 194 35.52 37.61 -1.25
CA ASN A 194 34.23 36.98 -1.39
C ASN A 194 34.35 35.99 -2.53
N LYS A 195 33.77 34.82 -2.41
CA LYS A 195 33.88 33.82 -3.46
C LYS A 195 32.50 33.50 -4.00
N LEU A 196 32.38 33.29 -5.30
CA LEU A 196 31.07 33.13 -5.95
C LEU A 196 31.12 32.02 -6.99
N VAL A 197 30.03 31.23 -6.94
CA VAL A 197 29.74 30.14 -7.84
C VAL A 197 28.34 30.35 -8.45
N THR A 198 28.32 30.49 -9.76
CA THR A 198 27.09 30.60 -10.51
C THR A 198 26.82 29.31 -11.26
N VAL A 199 25.57 28.90 -11.23
CA VAL A 199 25.07 27.71 -11.89
C VAL A 199 23.95 28.11 -12.82
N GLY A 200 24.13 27.74 -14.07
CA GLY A 200 23.19 28.07 -15.10
C GLY A 200 23.09 26.94 -16.09
N SER A 201 21.88 26.73 -16.59
CA SER A 201 21.73 25.82 -17.71
C SER A 201 20.79 26.47 -18.72
N SER A 202 19.63 25.89 -18.91
CA SER A 202 18.63 26.39 -19.85
C SER A 202 17.30 26.62 -19.18
N ASN A 203 17.04 25.94 -18.08
CA ASN A 203 15.81 26.07 -17.30
C ASN A 203 16.17 26.30 -15.84
N TYR A 204 17.44 26.61 -15.54
CA TYR A 204 17.89 26.81 -14.17
C TYR A 204 18.89 27.95 -14.12
N GLN A 205 18.76 28.82 -13.11
CA GLN A 205 19.85 29.77 -12.88
C GLN A 205 19.86 30.10 -11.39
N GLN A 206 21.05 30.02 -10.76
CA GLN A 206 21.23 30.23 -9.31
C GLN A 206 22.68 30.53 -8.94
N SER A 207 22.90 31.48 -8.04
CA SER A 207 24.20 31.79 -7.45
C SER A 207 24.39 31.38 -5.99
N PHE A 208 25.65 31.10 -5.61
CA PHE A 208 25.95 30.65 -4.25
C PHE A 208 27.24 31.38 -3.81
N VAL A 209 27.25 31.92 -2.60
CA VAL A 209 28.44 32.52 -1.97
C VAL A 209 28.66 31.77 -0.65
N PRO A 210 29.87 31.28 -0.34
CA PRO A 210 30.10 30.56 0.93
C PRO A 210 30.00 31.37 2.20
N SER A 211 29.59 30.69 3.27
CA SER A 211 29.37 31.33 4.56
C SER A 211 30.22 30.71 5.68
N PRO A 212 31.46 31.15 5.81
CA PRO A 212 32.32 30.62 6.88
C PRO A 212 31.84 31.03 8.26
N GLY A 213 32.06 30.15 9.23
CA GLY A 213 31.59 30.42 10.58
C GLY A 213 31.62 29.18 11.45
N ALA A 214 31.54 29.35 12.76
CA ALA A 214 31.57 28.19 13.65
C ALA A 214 30.18 27.56 13.61
N ARG A 215 30.15 26.25 13.55
CA ARG A 215 28.96 25.42 13.57
C ARG A 215 29.27 24.38 14.62
N PRO A 216 28.26 23.71 15.19
CA PRO A 216 28.61 22.70 16.20
C PRO A 216 29.46 21.63 15.53
N GLN A 217 30.38 21.07 16.30
CA GLN A 217 31.26 20.09 15.69
C GLN A 217 30.53 18.78 15.49
N VAL A 218 30.40 18.39 14.23
CA VAL A 218 29.89 17.10 13.76
C VAL A 218 30.97 16.36 12.97
N ASN A 219 31.34 15.16 13.45
CA ASN A 219 32.45 14.38 12.91
C ASN A 219 33.76 15.14 13.04
N GLY A 220 33.91 15.90 14.10
CA GLY A 220 35.13 16.62 14.37
C GLY A 220 35.23 17.95 13.67
N LEU A 221 34.27 18.29 12.80
CA LEU A 221 34.37 19.47 11.98
C LEU A 221 33.24 20.47 12.27
N SER A 222 33.61 21.74 12.24
CA SER A 222 32.70 22.85 12.45
C SER A 222 32.40 23.50 11.12
N SER A 223 32.94 22.92 10.06
CA SER A 223 32.66 23.27 8.68
C SER A 223 31.61 22.32 8.11
N ARG A 224 31.06 22.72 6.98
CA ARG A 224 30.00 21.93 6.39
C ARG A 224 30.11 22.12 4.87
N ILE A 225 29.50 21.21 4.13
CA ILE A 225 29.39 21.29 2.68
C ILE A 225 27.92 21.28 2.33
N ASP A 226 27.50 22.29 1.56
CA ASP A 226 26.16 22.30 1.00
C ASP A 226 26.15 21.64 -0.37
N PHE A 227 25.38 20.56 -0.50
CA PHE A 227 25.27 19.85 -1.75
C PHE A 227 24.03 20.34 -2.49
N HIS A 228 24.22 20.77 -3.74
CA HIS A 228 23.16 21.21 -4.65
C HIS A 228 23.10 20.35 -5.90
N TRP A 229 21.93 20.34 -6.50
CA TRP A 229 21.74 19.51 -7.67
C TRP A 229 20.76 20.10 -8.67
N LEU A 230 20.88 19.63 -9.91
CA LEU A 230 19.89 19.93 -10.93
C LEU A 230 19.85 18.75 -11.87
N MET A 231 18.75 18.64 -12.60
CA MET A 231 18.61 17.67 -13.68
C MET A 231 18.88 18.36 -15.01
N LEU A 232 19.87 17.89 -15.74
CA LEU A 232 20.27 18.48 -17.02
C LEU A 232 19.65 17.70 -18.17
N ASN A 233 18.82 18.38 -18.96
CA ASN A 233 18.10 17.77 -20.08
C ASN A 233 19.03 17.32 -21.22
N PRO A 234 18.59 16.37 -22.04
CA PRO A 234 19.40 15.96 -23.19
C PRO A 234 19.71 17.13 -24.10
N ASN A 235 20.93 17.17 -24.61
CA ASN A 235 21.46 18.20 -25.51
C ASN A 235 21.62 19.56 -24.81
N ASP A 236 21.23 19.69 -23.54
CA ASP A 236 21.44 20.90 -22.76
C ASP A 236 22.82 20.91 -22.09
N THR A 237 23.28 22.12 -21.75
CA THR A 237 24.59 22.32 -21.15
C THR A 237 24.47 22.98 -19.78
N VAL A 238 25.27 22.53 -18.80
CA VAL A 238 25.42 23.19 -17.51
C VAL A 238 26.81 23.82 -17.47
N THR A 239 26.90 25.05 -16.96
CA THR A 239 28.15 25.79 -16.91
C THR A 239 28.36 26.24 -15.47
N PHE A 240 29.53 25.92 -14.91
CA PHE A 240 29.92 26.33 -13.57
C PHE A 240 30.98 27.40 -13.66
N SER A 241 30.70 28.53 -13.01
CA SER A 241 31.60 29.66 -12.89
C SER A 241 31.84 29.85 -11.42
N PHE A 242 33.10 29.74 -11.01
CA PHE A 242 33.39 29.67 -9.59
C PHE A 242 34.79 30.22 -9.37
N ASN A 243 35.04 30.67 -8.14
CA ASN A 243 36.40 31.08 -7.79
C ASN A 243 36.83 30.51 -6.44
N GLY A 244 36.21 29.43 -5.97
CA GLY A 244 36.62 28.79 -4.74
C GLY A 244 35.45 28.23 -3.94
N ALA A 245 35.73 27.48 -2.85
CA ALA A 245 34.70 26.92 -1.97
C ALA A 245 33.70 26.06 -2.74
N PHE A 246 34.17 25.40 -3.79
CA PHE A 246 33.33 24.66 -4.73
C PHE A 246 33.76 23.19 -4.73
N ILE A 247 32.81 22.31 -4.44
CA ILE A 247 33.02 20.87 -4.50
C ILE A 247 32.50 20.42 -5.87
N ALA A 248 33.41 20.10 -6.77
CA ALA A 248 33.05 19.88 -8.15
C ALA A 248 32.53 18.46 -8.37
N PRO A 249 31.58 18.27 -9.29
CA PRO A 249 31.17 16.91 -9.62
C PRO A 249 32.17 16.27 -10.55
N ASP A 250 32.45 14.99 -10.31
CA ASP A 250 33.32 14.19 -11.17
C ASP A 250 32.53 13.32 -12.14
N ARG A 251 31.37 12.81 -11.72
CA ARG A 251 30.52 12.00 -12.57
C ARG A 251 29.08 12.50 -12.43
N ALA A 252 28.31 12.31 -13.49
CA ALA A 252 26.88 12.59 -13.50
C ALA A 252 26.16 11.27 -13.32
N SER A 253 24.91 11.36 -12.91
CA SER A 253 24.10 10.18 -12.68
C SER A 253 22.98 10.15 -13.71
N PHE A 254 22.64 8.94 -14.16
CA PHE A 254 21.50 8.77 -15.05
C PHE A 254 20.60 7.70 -14.46
N LEU A 255 19.31 7.94 -14.50
CA LEU A 255 18.35 7.02 -13.90
C LEU A 255 18.13 5.81 -14.79
N ARG A 256 18.10 4.63 -14.17
CA ARG A 256 18.06 3.39 -14.91
C ARG A 256 16.67 3.08 -15.45
N GLY A 257 15.64 3.21 -14.63
CA GLY A 257 14.28 2.90 -15.03
C GLY A 257 13.23 3.29 -14.02
N LYS A 258 12.70 2.31 -13.29
CA LYS A 258 11.62 2.51 -12.33
C LYS A 258 11.83 1.54 -11.16
N SER A 259 11.37 1.97 -9.99
CA SER A 259 11.46 1.24 -8.74
C SER A 259 10.53 1.90 -7.72
N MET A 260 10.53 1.34 -6.53
CA MET A 260 9.85 1.96 -5.42
C MET A 260 10.76 1.93 -4.22
N GLY A 261 10.62 2.94 -3.37
CA GLY A 261 11.45 3.05 -2.19
C GLY A 261 10.58 2.98 -0.96
N ILE A 262 11.09 2.30 0.07
CA ILE A 262 10.41 2.20 1.35
C ILE A 262 11.41 2.51 2.47
N GLN A 263 10.88 2.77 3.66
CA GLN A 263 11.70 2.98 4.85
C GLN A 263 11.26 1.93 5.86
N SER A 264 12.18 1.07 6.24
CA SER A 264 11.81 -0.07 7.04
C SER A 264 12.79 -0.29 8.16
N GLY A 265 12.33 -1.01 9.17
CA GLY A 265 13.20 -1.40 10.23
C GLY A 265 13.18 -2.93 10.37
N VAL A 266 12.79 -3.67 9.33
CA VAL A 266 12.72 -5.12 9.46
C VAL A 266 13.47 -5.82 8.33
N GLN A 267 13.80 -7.08 8.60
CA GLN A 267 14.67 -7.83 7.71
C GLN A 267 13.99 -8.09 6.39
N VAL A 268 14.81 -8.48 5.44
CA VAL A 268 14.34 -8.83 4.11
C VAL A 268 14.09 -10.32 4.12
N ASP A 269 12.99 -10.71 3.47
CA ASP A 269 12.59 -12.10 3.34
C ASP A 269 12.33 -12.38 1.87
N ALA A 270 13.22 -13.09 1.23
CA ALA A 270 13.04 -13.48 -0.16
C ALA A 270 12.14 -14.70 -0.28
N ASN A 271 11.42 -15.08 0.77
CA ASN A 271 10.57 -16.25 0.69
C ASN A 271 9.09 -15.90 0.79
N CYS A 272 8.74 -14.64 1.07
CA CYS A 272 7.38 -14.13 0.99
C CYS A 272 7.32 -13.07 -0.10
N GLU A 273 6.15 -12.93 -0.71
CA GLU A 273 5.95 -12.02 -1.83
C GLU A 273 4.96 -10.92 -1.39
N GLY A 274 5.29 -9.66 -1.64
CA GLY A 274 4.36 -8.65 -1.23
C GLY A 274 4.48 -7.45 -2.14
N ASP A 275 3.49 -6.59 -2.03
CA ASP A 275 3.43 -5.38 -2.83
C ASP A 275 3.00 -4.19 -2.03
N CYS A 276 2.79 -4.35 -0.73
CA CYS A 276 2.33 -3.27 0.13
C CYS A 276 3.23 -3.32 1.35
N TYR A 277 3.99 -2.24 1.53
CA TYR A 277 5.01 -2.16 2.55
C TYR A 277 4.76 -0.97 3.45
N HIS A 278 5.17 -1.13 4.71
CA HIS A 278 5.27 -0.05 5.67
C HIS A 278 6.51 -0.32 6.51
N SER A 279 6.79 0.59 7.45
CA SER A 279 8.05 0.46 8.19
C SER A 279 8.14 -0.81 9.01
N GLY A 280 7.00 -1.42 9.36
CA GLY A 280 6.99 -2.62 10.17
C GLY A 280 6.92 -3.92 9.43
N GLY A 281 6.81 -3.87 8.12
CA GLY A 281 6.83 -5.07 7.36
C GLY A 281 5.98 -4.97 6.11
N THR A 282 5.31 -6.07 5.80
CA THR A 282 4.54 -6.23 4.57
C THR A 282 3.08 -6.59 4.87
N ILE A 283 2.17 -6.01 4.12
CA ILE A 283 0.75 -6.30 4.23
C ILE A 283 0.41 -7.16 3.03
N ILE A 284 0.14 -8.42 3.27
CA ILE A 284 -0.23 -9.37 2.22
C ILE A 284 -1.67 -9.73 2.47
N SER A 285 -2.58 -9.35 1.59
CA SER A 285 -3.98 -9.52 1.94
C SER A 285 -4.79 -9.44 0.67
N ASN A 286 -5.88 -10.19 0.65
CA ASN A 286 -6.86 -10.07 -0.40
C ASN A 286 -7.98 -9.12 -0.01
N LEU A 287 -7.97 -8.67 1.24
CA LEU A 287 -9.00 -7.79 1.76
C LEU A 287 -8.89 -6.39 1.18
N PRO A 288 -10.02 -5.73 1.01
CA PRO A 288 -9.99 -4.39 0.40
C PRO A 288 -9.57 -3.31 1.37
N PHE A 289 -9.59 -3.56 2.69
CA PHE A 289 -9.22 -2.52 3.64
C PHE A 289 -8.17 -3.04 4.61
N GLN A 290 -7.40 -2.11 5.18
CA GLN A 290 -6.41 -2.43 6.21
C GLN A 290 -6.45 -1.35 7.30
N ASN A 291 -6.15 -1.79 8.51
CA ASN A 291 -6.10 -0.96 9.70
C ASN A 291 -4.71 -0.99 10.33
N ILE A 292 -3.70 -1.20 9.52
CA ILE A 292 -2.34 -1.40 10.00
C ILE A 292 -1.54 -0.11 9.96
N ASP A 293 -1.47 0.55 8.81
CA ASP A 293 -0.62 1.73 8.71
C ASP A 293 -1.17 2.60 7.59
N SER A 294 -1.56 3.83 7.93
CA SER A 294 -2.11 4.76 6.94
C SER A 294 -1.07 5.25 5.96
N ARG A 295 0.22 5.03 6.23
CA ARG A 295 1.29 5.47 5.36
C ARG A 295 1.93 4.35 4.56
N ALA A 296 1.27 3.20 4.51
CA ALA A 296 1.73 2.09 3.67
C ALA A 296 1.79 2.55 2.22
N VAL A 297 2.72 1.94 1.47
CA VAL A 297 3.00 2.32 0.10
C VAL A 297 3.11 1.05 -0.71
N GLY A 298 2.99 1.22 -2.02
CA GLY A 298 2.91 0.09 -2.93
C GLY A 298 1.50 -0.06 -3.47
N LYS A 299 1.06 -1.30 -3.71
CA LYS A 299 -0.32 -1.63 -4.09
C LYS A 299 -1.00 -2.18 -2.85
N CYS A 300 -1.84 -1.36 -2.23
CA CYS A 300 -2.30 -1.61 -0.88
C CYS A 300 -3.81 -1.65 -0.76
N PRO A 301 -4.33 -2.38 0.23
CA PRO A 301 -5.72 -2.15 0.65
C PRO A 301 -5.86 -0.74 1.20
N ARG A 302 -7.05 -0.15 1.07
CA ARG A 302 -7.26 1.21 1.54
C ARG A 302 -7.23 1.23 3.07
N TYR A 303 -6.44 2.15 3.64
CA TYR A 303 -6.41 2.28 5.10
C TYR A 303 -7.75 2.82 5.59
N VAL A 304 -8.29 2.21 6.65
CA VAL A 304 -9.52 2.64 7.31
C VAL A 304 -9.28 2.69 8.81
N LYS A 305 -10.06 3.52 9.50
CA LYS A 305 -9.88 3.69 10.95
C LYS A 305 -10.45 2.53 11.77
N GLN A 306 -11.43 1.81 11.25
CA GLN A 306 -12.03 0.67 11.94
C GLN A 306 -11.07 -0.52 12.05
N ARG A 307 -11.10 -1.21 13.18
CA ARG A 307 -10.33 -2.45 13.25
C ARG A 307 -11.05 -3.62 12.65
N SER A 308 -12.38 -3.56 12.53
CA SER A 308 -13.14 -4.68 11.99
C SER A 308 -14.42 -4.24 11.29
N LEU A 309 -14.68 -4.83 10.12
CA LEU A 309 -15.95 -4.60 9.43
C LEU A 309 -16.40 -5.96 8.91
N LEU A 310 -17.33 -6.60 9.62
CA LEU A 310 -17.74 -7.96 9.28
C LEU A 310 -18.81 -7.94 8.22
N LEU A 311 -18.55 -8.64 7.11
CA LEU A 311 -19.46 -8.76 5.98
C LEU A 311 -20.22 -10.09 6.08
N ALA A 312 -21.53 -10.00 6.08
CA ALA A 312 -22.37 -11.20 6.17
C ALA A 312 -22.17 -12.06 4.94
N THR A 313 -21.97 -13.36 5.16
CA THR A 313 -21.91 -14.34 4.09
C THR A 313 -22.98 -15.43 4.26
N GLY A 314 -23.97 -15.22 5.10
CA GLY A 314 -25.01 -16.20 5.27
C GLY A 314 -26.25 -15.47 5.72
N MET A 315 -27.35 -16.21 5.80
CA MET A 315 -28.64 -15.61 6.15
C MET A 315 -28.66 -15.18 7.61
N LYS A 316 -29.73 -14.47 7.99
CA LYS A 316 -29.93 -14.21 9.40
C LYS A 316 -30.06 -15.51 10.18
N ASN A 317 -29.42 -15.54 11.33
CA ASN A 317 -29.44 -16.72 12.19
C ASN A 317 -30.56 -16.57 13.20
N VAL A 318 -31.55 -17.43 13.10
CA VAL A 318 -32.65 -17.47 14.07
C VAL A 318 -32.67 -18.85 14.72
N PRO A 319 -31.96 -19.01 15.84
CA PRO A 319 -31.82 -20.29 16.55
C PRO A 319 -33.08 -20.68 17.31
N GLU A 320 -33.15 -21.88 17.91
CA GLU A 320 -34.35 -22.28 18.63
C GLU A 320 -34.16 -22.16 20.13
N GLY B 1 -35.78 -9.57 7.54
CA GLY B 1 -35.83 -9.23 6.13
C GLY B 1 -37.13 -8.62 5.59
N LEU B 2 -37.00 -8.10 4.37
CA LEU B 2 -38.06 -7.42 3.65
C LEU B 2 -39.17 -8.35 3.18
N PHE B 3 -38.97 -9.66 3.19
CA PHE B 3 -39.90 -10.60 2.57
C PHE B 3 -40.72 -11.40 3.59
N GLY B 4 -40.53 -11.10 4.88
CA GLY B 4 -41.18 -11.66 6.05
C GLY B 4 -41.39 -13.17 6.11
N ALA B 5 -40.38 -13.91 5.63
CA ALA B 5 -40.23 -15.35 5.82
C ALA B 5 -39.23 -15.66 6.94
N ILE B 6 -37.92 -15.63 6.62
CA ILE B 6 -36.88 -15.89 7.60
C ILE B 6 -37.00 -14.87 8.74
N ALA B 7 -37.08 -15.39 9.96
CA ALA B 7 -37.34 -14.56 11.12
C ALA B 7 -38.67 -13.82 10.94
N GLY B 8 -39.58 -14.40 10.16
CA GLY B 8 -40.88 -13.83 9.90
C GLY B 8 -41.97 -14.84 10.17
N PHE B 9 -42.83 -15.21 9.20
CA PHE B 9 -43.87 -16.18 9.50
C PHE B 9 -43.32 -17.61 9.67
N ILE B 10 -42.11 -17.86 9.19
CA ILE B 10 -41.34 -19.06 9.51
C ILE B 10 -40.61 -18.88 10.83
N GLU B 11 -40.94 -19.70 11.84
CA GLU B 11 -40.52 -19.27 13.18
C GLU B 11 -39.05 -19.26 13.52
N ASN B 12 -38.27 -20.24 13.08
CA ASN B 12 -36.84 -20.24 13.37
C ASN B 12 -36.21 -21.23 12.40
N GLY B 13 -34.90 -21.33 12.44
CA GLY B 13 -34.21 -22.24 11.56
C GLY B 13 -34.01 -23.59 12.21
N TRP B 14 -33.49 -24.51 11.41
CA TRP B 14 -33.26 -25.90 11.80
C TRP B 14 -31.76 -26.13 11.94
N GLU B 15 -31.32 -26.37 13.17
CA GLU B 15 -29.91 -26.64 13.42
C GLU B 15 -29.53 -28.03 12.93
N GLY B 16 -30.51 -28.91 12.72
CA GLY B 16 -30.26 -30.20 12.13
C GLY B 16 -30.14 -30.21 10.62
N LEU B 17 -30.48 -29.10 9.96
CA LEU B 17 -30.33 -28.93 8.51
C LEU B 17 -28.88 -28.59 8.23
N ILE B 18 -28.06 -29.63 8.04
CA ILE B 18 -26.62 -29.49 7.88
C ILE B 18 -26.16 -29.69 6.43
N ASP B 19 -27.06 -30.03 5.51
CA ASP B 19 -26.68 -30.29 4.14
C ASP B 19 -27.19 -29.27 3.15
N GLY B 20 -27.71 -28.14 3.62
CA GLY B 20 -28.17 -27.11 2.70
C GLY B 20 -28.63 -25.90 3.48
N TRP B 21 -28.95 -24.84 2.75
CA TRP B 21 -29.44 -23.65 3.44
C TRP B 21 -30.94 -23.68 3.69
N TYR B 22 -31.72 -24.26 2.77
CA TYR B 22 -33.16 -24.33 2.88
C TYR B 22 -33.58 -25.76 2.62
N GLY B 23 -34.77 -26.12 3.08
CA GLY B 23 -35.17 -27.50 2.90
C GLY B 23 -36.62 -27.74 3.26
N PHE B 24 -36.98 -29.02 3.20
CA PHE B 24 -38.32 -29.52 3.47
C PHE B 24 -38.18 -30.44 4.69
N ARG B 25 -39.16 -30.36 5.60
CA ARG B 25 -39.30 -31.25 6.75
C ARG B 25 -40.72 -31.80 6.67
N HIS B 26 -40.85 -33.10 6.44
CA HIS B 26 -42.15 -33.71 6.16
C HIS B 26 -42.63 -34.58 7.31
N GLN B 27 -43.94 -34.76 7.36
CA GLN B 27 -44.47 -35.78 8.25
C GLN B 27 -45.65 -36.48 7.58
N ASN B 28 -45.62 -37.81 7.63
CA ASN B 28 -46.67 -38.66 7.10
C ASN B 28 -46.74 -39.92 7.95
N ALA B 29 -47.47 -40.91 7.47
CA ALA B 29 -47.63 -42.14 8.24
C ALA B 29 -46.29 -42.85 8.42
N GLN B 30 -45.35 -42.68 7.49
CA GLN B 30 -44.03 -43.29 7.60
C GLN B 30 -43.09 -42.62 8.58
N GLY B 31 -43.43 -41.43 9.05
CA GLY B 31 -42.69 -40.68 10.04
C GLY B 31 -42.31 -39.32 9.51
N GLU B 32 -41.25 -38.74 10.06
CA GLU B 32 -40.79 -37.43 9.67
C GLU B 32 -39.40 -37.54 9.05
N GLY B 33 -39.12 -36.63 8.13
CA GLY B 33 -37.86 -36.55 7.43
C GLY B 33 -37.59 -35.11 7.08
N THR B 34 -36.30 -34.79 6.91
CA THR B 34 -35.87 -33.46 6.50
C THR B 34 -34.82 -33.60 5.41
N ALA B 35 -34.98 -32.85 4.32
CA ALA B 35 -34.04 -32.85 3.21
C ALA B 35 -33.83 -31.42 2.75
N ALA B 36 -32.64 -31.14 2.21
CA ALA B 36 -32.32 -29.81 1.69
C ALA B 36 -32.69 -29.63 0.22
N ASP B 37 -33.10 -28.40 -0.13
CA ASP B 37 -33.34 -28.05 -1.52
C ASP B 37 -32.07 -27.43 -2.06
N TYR B 38 -31.53 -28.04 -3.11
CA TYR B 38 -30.23 -27.64 -3.63
C TYR B 38 -30.33 -26.35 -4.43
N LYS B 39 -31.39 -26.21 -5.24
CA LYS B 39 -31.45 -25.11 -6.19
C LYS B 39 -31.52 -23.77 -5.45
N SER B 40 -32.37 -23.67 -4.44
CA SER B 40 -32.50 -22.43 -3.71
C SER B 40 -31.21 -22.14 -2.96
N THR B 41 -30.66 -23.17 -2.30
CA THR B 41 -29.39 -23.03 -1.59
C THR B 41 -28.28 -22.50 -2.50
N GLN B 42 -28.09 -23.10 -3.67
CA GLN B 42 -27.00 -22.70 -4.57
C GLN B 42 -27.24 -21.30 -5.14
N SER B 43 -28.50 -20.90 -5.31
CA SER B 43 -28.80 -19.55 -5.79
C SER B 43 -28.32 -18.52 -4.76
N ALA B 44 -28.64 -18.76 -3.49
CA ALA B 44 -28.17 -17.87 -2.43
C ALA B 44 -26.65 -17.90 -2.36
N ILE B 45 -26.07 -19.11 -2.35
CA ILE B 45 -24.61 -19.25 -2.28
C ILE B 45 -23.91 -18.55 -3.45
N ASP B 46 -24.46 -18.70 -4.66
CA ASP B 46 -23.86 -18.08 -5.84
C ASP B 46 -23.90 -16.57 -5.72
N GLN B 47 -25.00 -16.03 -5.19
CA GLN B 47 -25.08 -14.60 -5.05
C GLN B 47 -24.10 -14.08 -3.99
N ILE B 48 -24.00 -14.76 -2.83
CA ILE B 48 -23.04 -14.29 -1.82
C ILE B 48 -21.60 -14.41 -2.34
N THR B 49 -21.31 -15.48 -3.08
CA THR B 49 -19.97 -15.65 -3.63
C THR B 49 -19.66 -14.54 -4.64
N GLY B 50 -20.64 -14.17 -5.47
CA GLY B 50 -20.40 -13.05 -6.37
C GLY B 50 -20.04 -11.78 -5.61
N LYS B 51 -20.71 -11.51 -4.48
CA LYS B 51 -20.35 -10.37 -3.64
C LYS B 51 -18.91 -10.45 -3.16
N LEU B 52 -18.51 -11.64 -2.71
CA LEU B 52 -17.15 -11.86 -2.22
C LEU B 52 -16.15 -11.62 -3.34
N ASN B 53 -16.43 -12.17 -4.53
CA ASN B 53 -15.53 -11.94 -5.64
C ASN B 53 -15.36 -10.45 -5.96
N ARG B 54 -16.41 -9.65 -5.78
CA ARG B 54 -16.24 -8.22 -5.98
C ARG B 54 -15.30 -7.61 -4.94
N LEU B 55 -15.46 -8.00 -3.69
CA LEU B 55 -14.72 -7.41 -2.57
C LEU B 55 -13.25 -7.84 -2.44
N ILE B 56 -12.81 -8.92 -3.08
CA ILE B 56 -11.43 -9.38 -2.96
C ILE B 56 -10.59 -9.04 -4.19
N GLU B 57 -11.14 -8.17 -5.02
CA GLU B 57 -10.54 -7.51 -6.18
C GLU B 57 -9.34 -6.62 -5.80
N LYS B 58 -8.27 -6.75 -6.56
CA LYS B 58 -6.97 -6.14 -6.30
C LYS B 58 -6.90 -4.70 -6.82
N THR B 59 -6.46 -3.78 -5.94
CA THR B 59 -6.21 -2.43 -6.39
C THR B 59 -4.88 -2.41 -7.11
N ASN B 60 -4.86 -1.90 -8.32
CA ASN B 60 -3.69 -2.07 -9.18
C ASN B 60 -3.01 -0.73 -9.27
N GLN B 61 -3.38 0.16 -8.36
CA GLN B 61 -2.78 1.48 -8.28
C GLN B 61 -1.70 1.52 -7.21
N GLN B 62 -0.54 2.01 -7.61
CA GLN B 62 0.64 2.11 -6.79
C GLN B 62 0.71 3.53 -6.26
N PHE B 63 1.01 3.65 -4.99
CA PHE B 63 1.27 4.92 -4.36
C PHE B 63 2.66 4.89 -3.74
N GLU B 64 3.34 6.03 -3.81
CA GLU B 64 4.69 6.09 -3.32
C GLU B 64 4.73 7.04 -2.16
N LEU B 65 5.90 7.05 -1.54
CA LEU B 65 6.15 7.85 -0.35
C LEU B 65 6.10 9.33 -0.73
N ILE B 66 5.43 10.13 0.10
CA ILE B 66 5.44 11.58 -0.12
C ILE B 66 5.86 12.30 1.15
N ASP B 67 6.10 11.59 2.24
CA ASP B 67 6.76 12.20 3.40
C ASP B 67 7.91 11.29 3.88
N ASN B 68 8.45 11.57 5.08
CA ASN B 68 9.63 10.89 5.56
C ASN B 68 9.53 10.59 7.05
N GLU B 69 9.66 9.31 7.40
CA GLU B 69 9.53 8.81 8.77
C GLU B 69 10.80 9.00 9.56
N PHE B 70 11.96 9.12 8.88
CA PHE B 70 13.26 9.26 9.54
C PHE B 70 13.71 10.71 9.60
N ASN B 71 13.40 11.48 8.58
CA ASN B 71 13.79 12.89 8.52
C ASN B 71 12.56 13.71 8.14
N GLU B 72 11.81 14.26 9.11
CA GLU B 72 10.51 14.87 8.80
C GLU B 72 10.67 15.93 7.73
N VAL B 73 9.73 15.95 6.77
CA VAL B 73 9.74 16.93 5.69
C VAL B 73 9.36 18.27 6.35
N GLU B 74 9.53 19.37 5.60
CA GLU B 74 9.20 20.70 6.10
C GLU B 74 7.78 20.73 6.65
N LYS B 75 7.59 21.56 7.69
CA LYS B 75 6.39 21.47 8.51
C LYS B 75 5.14 21.77 7.68
N GLN B 76 5.17 22.87 6.92
CA GLN B 76 3.96 23.30 6.22
C GLN B 76 3.53 22.25 5.19
N ILE B 77 4.46 21.80 4.33
CA ILE B 77 4.08 20.79 3.35
C ILE B 77 3.68 19.50 4.07
N GLY B 78 4.30 19.24 5.24
CA GLY B 78 3.91 18.09 6.02
C GLY B 78 2.51 18.22 6.59
N ASN B 79 2.12 19.44 7.01
CA ASN B 79 0.75 19.62 7.49
C ASN B 79 -0.25 19.47 6.35
N VAL B 80 0.09 19.96 5.14
CA VAL B 80 -0.79 19.75 3.99
C VAL B 80 -0.94 18.26 3.70
N ILE B 81 0.18 17.53 3.65
CA ILE B 81 0.12 16.09 3.38
C ILE B 81 -0.72 15.34 4.42
N ASN B 82 -0.53 15.64 5.71
CA ASN B 82 -1.23 14.94 6.79
C ASN B 82 -2.73 15.16 6.74
N TRP B 83 -3.11 16.37 6.43
CA TRP B 83 -4.49 16.76 6.27
C TRP B 83 -5.10 16.05 5.06
N THR B 84 -4.39 16.03 3.93
CA THR B 84 -4.88 15.31 2.76
C THR B 84 -5.05 13.84 3.09
N ARG B 85 -4.02 13.24 3.68
CA ARG B 85 -4.12 11.81 3.98
C ARG B 85 -5.26 11.55 4.98
N ASP B 86 -5.40 12.40 6.00
CA ASP B 86 -6.48 12.21 6.96
C ASP B 86 -7.85 12.41 6.32
N SER B 87 -7.98 13.35 5.38
CA SER B 87 -9.24 13.49 4.66
C SER B 87 -9.57 12.24 3.83
N ILE B 88 -8.59 11.70 3.12
CA ILE B 88 -8.84 10.47 2.35
C ILE B 88 -9.24 9.33 3.30
N THR B 89 -8.56 9.22 4.46
CA THR B 89 -8.92 8.19 5.42
C THR B 89 -10.37 8.36 5.87
N GLU B 90 -10.78 9.61 6.10
CA GLU B 90 -12.17 9.90 6.45
C GLU B 90 -13.10 9.32 5.38
N VAL B 91 -12.79 9.60 4.12
CA VAL B 91 -13.60 9.12 3.01
C VAL B 91 -13.61 7.59 2.95
N TRP B 92 -12.45 6.93 3.09
CA TRP B 92 -12.46 5.48 2.93
C TRP B 92 -13.05 4.74 4.12
N SER B 93 -12.88 5.27 5.34
CA SER B 93 -13.57 4.69 6.47
C SER B 93 -15.08 4.81 6.29
N TYR B 94 -15.55 5.97 5.81
CA TYR B 94 -16.98 6.11 5.56
C TYR B 94 -17.44 5.09 4.51
N ASN B 95 -16.73 4.99 3.39
CA ASN B 95 -17.11 4.06 2.32
C ASN B 95 -17.12 2.60 2.77
N ALA B 96 -16.12 2.20 3.56
CA ALA B 96 -16.06 0.82 4.03
C ALA B 96 -17.26 0.50 4.93
N GLU B 97 -17.56 1.40 5.86
CA GLU B 97 -18.68 1.24 6.78
C GLU B 97 -19.99 1.14 6.00
N LEU B 98 -20.20 2.08 5.08
CA LEU B 98 -21.44 2.11 4.30
C LEU B 98 -21.55 0.88 3.42
N LEU B 99 -20.45 0.50 2.77
CA LEU B 99 -20.45 -0.67 1.89
C LEU B 99 -20.85 -1.94 2.63
N VAL B 100 -20.22 -2.19 3.78
CA VAL B 100 -20.52 -3.42 4.51
C VAL B 100 -21.94 -3.40 5.07
N ALA B 101 -22.40 -2.25 5.57
CA ALA B 101 -23.75 -2.16 6.10
C ALA B 101 -24.76 -2.39 4.99
N MET B 102 -24.56 -1.73 3.85
CA MET B 102 -25.47 -1.90 2.73
C MET B 102 -25.45 -3.35 2.23
N GLU B 103 -24.26 -3.89 2.03
CA GLU B 103 -24.15 -5.27 1.55
C GLU B 103 -24.76 -6.28 2.55
N ASN B 104 -24.64 -6.02 3.85
CA ASN B 104 -25.21 -6.95 4.82
C ASN B 104 -26.74 -6.89 4.77
N GLN B 105 -27.32 -5.69 4.71
CA GLN B 105 -28.74 -5.56 4.50
C GLN B 105 -29.19 -6.36 3.26
N HIS B 106 -28.49 -6.19 2.15
CA HIS B 106 -28.91 -6.87 0.94
C HIS B 106 -28.70 -8.38 1.04
N THR B 107 -27.63 -8.83 1.72
CA THR B 107 -27.43 -10.27 1.85
C THR B 107 -28.54 -10.90 2.67
N ILE B 108 -28.87 -10.28 3.81
CA ILE B 108 -29.96 -10.76 4.63
C ILE B 108 -31.26 -10.76 3.84
N ASP B 109 -31.54 -9.66 3.16
CA ASP B 109 -32.77 -9.58 2.37
C ASP B 109 -32.79 -10.59 1.24
N LEU B 110 -31.65 -10.87 0.62
CA LEU B 110 -31.65 -11.82 -0.50
C LEU B 110 -31.90 -13.24 0.01
N ALA B 111 -31.32 -13.59 1.16
CA ALA B 111 -31.58 -14.90 1.74
C ALA B 111 -33.06 -15.03 2.12
N ASP B 112 -33.64 -13.98 2.72
CA ASP B 112 -35.09 -13.94 2.96
C ASP B 112 -35.86 -14.20 1.66
N SER B 113 -35.44 -13.56 0.56
CA SER B 113 -36.11 -13.71 -0.73
C SER B 113 -36.08 -15.14 -1.24
N GLU B 114 -34.93 -15.82 -1.14
CA GLU B 114 -34.86 -17.19 -1.65
C GLU B 114 -35.77 -18.13 -0.86
N MET B 115 -35.87 -17.94 0.45
CA MET B 115 -36.84 -18.72 1.22
C MET B 115 -38.26 -18.56 0.64
N ASP B 116 -38.71 -17.30 0.41
CA ASP B 116 -40.05 -17.09 -0.12
C ASP B 116 -40.23 -17.69 -1.52
N LYS B 117 -39.20 -17.62 -2.36
CA LYS B 117 -39.36 -18.20 -3.68
C LYS B 117 -39.58 -19.69 -3.59
N LEU B 118 -38.85 -20.37 -2.71
CA LEU B 118 -39.08 -21.79 -2.50
C LEU B 118 -40.47 -22.09 -1.94
N TYR B 119 -40.90 -21.34 -0.91
CA TYR B 119 -42.24 -21.55 -0.35
C TYR B 119 -43.33 -21.41 -1.42
N GLU B 120 -43.30 -20.32 -2.19
CA GLU B 120 -44.30 -20.10 -3.23
C GLU B 120 -44.19 -21.16 -4.33
N ARG B 121 -42.97 -21.60 -4.66
CA ARG B 121 -42.83 -22.67 -5.63
C ARG B 121 -43.60 -23.90 -5.20
N VAL B 122 -43.40 -24.32 -3.95
CA VAL B 122 -44.09 -25.49 -3.47
C VAL B 122 -45.59 -25.24 -3.47
N LYS B 123 -46.00 -24.06 -2.99
CA LYS B 123 -47.42 -23.70 -2.98
C LYS B 123 -48.02 -23.85 -4.35
N ARG B 124 -47.31 -23.38 -5.37
CA ARG B 124 -47.87 -23.49 -6.71
C ARG B 124 -47.87 -24.91 -7.24
N GLN B 125 -46.94 -25.75 -6.81
CA GLN B 125 -47.02 -27.15 -7.17
C GLN B 125 -48.27 -27.82 -6.59
N LEU B 126 -48.56 -27.55 -5.31
CA LEU B 126 -49.62 -28.25 -4.61
C LEU B 126 -51.03 -27.80 -4.99
N ARG B 127 -51.21 -26.64 -5.63
CA ARG B 127 -52.51 -26.16 -6.13
C ARG B 127 -53.63 -26.19 -5.08
N GLU B 128 -54.69 -26.93 -5.34
CA GLU B 128 -55.85 -26.94 -4.44
C GLU B 128 -55.82 -28.12 -3.49
N ASN B 129 -54.71 -28.85 -3.45
CA ASN B 129 -54.53 -30.07 -2.67
C ASN B 129 -53.97 -29.82 -1.27
N ALA B 130 -53.68 -28.56 -0.93
CA ALA B 130 -53.11 -28.24 0.37
C ALA B 130 -53.54 -26.84 0.80
N GLU B 131 -53.37 -26.56 2.09
CA GLU B 131 -53.64 -25.24 2.62
C GLU B 131 -52.45 -24.82 3.49
N GLU B 132 -52.10 -23.55 3.43
CA GLU B 132 -51.03 -23.05 4.27
C GLU B 132 -51.54 -22.82 5.68
N ASP B 133 -50.75 -23.23 6.67
CA ASP B 133 -51.08 -23.03 8.08
C ASP B 133 -50.52 -21.74 8.68
N GLY B 134 -49.67 -21.00 7.93
CA GLY B 134 -49.19 -19.75 8.41
C GLY B 134 -47.85 -19.82 9.09
N THR B 135 -47.26 -21.01 9.18
CA THR B 135 -45.96 -21.18 9.81
C THR B 135 -44.90 -21.71 8.84
N GLY B 136 -45.18 -21.68 7.54
CA GLY B 136 -44.29 -22.23 6.56
C GLY B 136 -44.64 -23.64 6.16
N CYS B 137 -45.72 -24.16 6.68
CA CYS B 137 -46.18 -25.52 6.40
C CYS B 137 -47.39 -25.54 5.49
N PHE B 138 -47.50 -26.63 4.72
CA PHE B 138 -48.65 -26.89 3.86
C PHE B 138 -49.38 -28.12 4.41
N GLU B 139 -50.60 -27.92 4.90
CA GLU B 139 -51.45 -29.04 5.28
C GLU B 139 -51.92 -29.76 4.04
N ILE B 140 -51.53 -31.03 3.92
CA ILE B 140 -51.83 -31.83 2.74
C ILE B 140 -53.13 -32.57 2.99
N PHE B 141 -54.09 -32.36 2.10
CA PHE B 141 -55.38 -33.00 2.32
C PHE B 141 -55.49 -34.32 1.55
N HIS B 142 -54.40 -35.07 1.44
CA HIS B 142 -54.42 -36.41 0.86
C HIS B 142 -53.25 -37.22 1.42
N LYS B 143 -53.35 -38.54 1.29
CA LYS B 143 -52.29 -39.42 1.77
C LYS B 143 -51.04 -39.16 0.95
N CYS B 144 -49.95 -38.83 1.61
CA CYS B 144 -48.73 -38.46 0.88
C CYS B 144 -47.58 -39.26 1.48
N ASP B 145 -47.27 -40.37 0.83
CA ASP B 145 -46.24 -41.30 1.27
C ASP B 145 -44.85 -40.73 0.99
N ASP B 146 -43.81 -41.53 1.28
CA ASP B 146 -42.45 -40.99 1.13
C ASP B 146 -42.14 -40.66 -0.32
N ASP B 147 -42.65 -41.47 -1.26
CA ASP B 147 -42.43 -41.18 -2.67
C ASP B 147 -43.20 -39.94 -3.07
N CYS B 148 -44.40 -39.75 -2.49
CA CYS B 148 -45.20 -38.56 -2.75
C CYS B 148 -44.44 -37.31 -2.27
N MET B 149 -43.90 -37.35 -1.05
CA MET B 149 -43.03 -36.28 -0.55
C MET B 149 -41.84 -36.03 -1.48
N ALA B 150 -41.14 -37.09 -1.87
CA ALA B 150 -39.99 -36.95 -2.75
C ALA B 150 -40.34 -36.25 -4.05
N SER B 151 -41.53 -36.55 -4.60
CA SER B 151 -41.99 -35.89 -5.82
C SER B 151 -42.27 -34.42 -5.60
N ILE B 152 -42.73 -34.03 -4.41
CA ILE B 152 -42.88 -32.61 -4.13
C ILE B 152 -41.52 -31.93 -4.12
N ARG B 153 -40.52 -32.58 -3.50
CA ARG B 153 -39.22 -31.95 -3.33
C ARG B 153 -38.51 -31.78 -4.65
N ASN B 154 -38.60 -32.78 -5.53
CA ASN B 154 -37.92 -32.70 -6.82
C ASN B 154 -38.86 -32.31 -7.97
N ASN B 155 -40.03 -31.70 -7.70
CA ASN B 155 -40.90 -31.16 -8.76
C ASN B 155 -41.45 -32.19 -9.72
N THR B 156 -41.91 -33.31 -9.20
CA THR B 156 -42.60 -34.25 -10.06
C THR B 156 -43.99 -34.57 -9.52
N TYR B 157 -44.43 -33.82 -8.51
CA TYR B 157 -45.75 -33.97 -7.91
C TYR B 157 -46.85 -33.56 -8.89
N ASP B 158 -47.74 -34.48 -9.19
CA ASP B 158 -48.87 -34.21 -10.07
C ASP B 158 -50.10 -33.90 -9.24
N HIS B 159 -50.51 -32.63 -9.23
CA HIS B 159 -51.62 -32.25 -8.38
C HIS B 159 -52.91 -32.96 -8.81
N SER B 160 -53.09 -33.13 -10.14
CA SER B 160 -54.29 -33.81 -10.67
C SER B 160 -54.43 -35.21 -10.10
N LYS B 161 -53.30 -35.93 -10.00
CA LYS B 161 -53.29 -37.31 -9.54
C LYS B 161 -53.95 -37.47 -8.17
N TYR B 162 -53.93 -36.41 -7.34
CA TYR B 162 -54.49 -36.42 -5.99
C TYR B 162 -55.66 -35.46 -5.82
N ARG B 163 -55.99 -34.75 -6.88
CA ARG B 163 -56.96 -33.65 -6.85
C ARG B 163 -58.28 -34.16 -6.29
N GLU B 164 -58.78 -35.28 -6.84
CA GLU B 164 -60.07 -35.83 -6.46
C GLU B 164 -60.21 -36.09 -4.94
N GLU B 165 -59.22 -36.76 -4.36
CA GLU B 165 -59.18 -37.06 -2.93
C GLU B 165 -59.05 -35.81 -2.08
N ALA B 166 -58.08 -34.95 -2.43
CA ALA B 166 -57.75 -33.81 -1.57
C ALA B 166 -58.91 -32.84 -1.42
N MET B 167 -59.57 -32.44 -2.52
CA MET B 167 -60.71 -31.54 -2.34
C MET B 167 -61.76 -32.22 -1.47
N GLN B 168 -61.95 -33.52 -1.69
CA GLN B 168 -62.95 -34.28 -0.98
C GLN B 168 -62.64 -34.29 0.50
#